data_1J4B
#
_entry.id   1J4B
#
_cell.length_a   69.930
_cell.length_b   69.930
_cell.length_c   198.490
_cell.angle_alpha   90.00
_cell.angle_beta   90.00
_cell.angle_gamma   90.00
#
_symmetry.space_group_name_H-M   'P 43 21 2'
#
loop_
_entity.id
_entity.type
_entity.pdbx_description
1 polymer 'adenylosuccinate synthetase'
2 water water
#
_entity_poly.entity_id   1
_entity_poly.type   'polypeptide(L)'
_entity_poly.pdbx_seq_one_letter_code
;MSGTRASNDRPPGTGGVKRGRLQQEAAATGSRVTVVLGAQWGDEGKGKVVDLLATDADIVSRCQGGNNAGHTVVVDGKEY
DFHLLPSGIINTKAVSFIGNGVVIHLPGLFEEAEKNEKKGLKDWEKRLIISDRAHLVFDFHQAVDGLQEVQRQAQEGKNI
GTTKKGIGPTYSSKAARTGLRICDLLSDFDEFSARFKNLAHQHQSMFPTLEIDVEGQLKRLKGFAERIRPMVRDGVYFMY
EALHGPPKKVLVEGANAALLDIDFGTYPFVTSSNCTVGGVCTGLGIPPQNIGDVYGVVKAYTTRVGIGAFPTEQINEIGD
LLQNRGHEWGVTTGRKRRCGWLDLMILRYAHMVNGFTALALTKLDILDVLSEIKVGISYKLNGKRIPYFPANQEILQKVE
VEYETLPGWKADTTGARKWEDLPPQAQSYVRFVENHMGVAVKWVGVGKSRESMIQLF
;
_entity_poly.pdbx_strand_id   A
#
# COMPACT_ATOMS: atom_id res chain seq x y z
N ALA A 26 19.88 18.96 -6.50
CA ALA A 26 21.13 19.08 -7.29
C ALA A 26 20.82 19.18 -8.79
N ALA A 27 21.74 19.77 -9.55
CA ALA A 27 21.56 19.94 -10.98
C ALA A 27 21.93 18.67 -11.74
N ALA A 28 22.76 17.82 -11.11
CA ALA A 28 23.19 16.58 -11.73
C ALA A 28 22.20 15.46 -11.39
N THR A 29 21.80 15.42 -10.12
CA THR A 29 20.85 14.42 -9.64
C THR A 29 19.58 14.39 -10.46
N GLY A 30 19.02 15.57 -10.71
CA GLY A 30 17.79 15.64 -11.46
C GLY A 30 16.69 15.87 -10.45
N SER A 31 15.47 15.47 -10.81
CA SER A 31 14.33 15.65 -9.93
C SER A 31 14.25 14.50 -8.95
N ARG A 32 13.79 14.77 -7.74
CA ARG A 32 13.65 13.76 -6.70
C ARG A 32 12.17 13.46 -6.50
N VAL A 33 11.83 12.20 -6.72
CA VAL A 33 10.47 11.71 -6.62
C VAL A 33 9.90 11.89 -5.20
N THR A 34 8.56 11.97 -5.08
CA THR A 34 7.90 12.12 -3.79
C THR A 34 7.13 10.85 -3.49
N VAL A 35 7.27 10.33 -2.27
CA VAL A 35 6.59 9.10 -1.92
C VAL A 35 5.64 9.16 -0.73
N VAL A 36 4.61 8.33 -0.77
CA VAL A 36 3.61 8.24 0.29
C VAL A 36 3.58 6.77 0.69
N LEU A 37 3.79 6.49 1.96
CA LEU A 37 3.81 5.11 2.45
C LEU A 37 3.03 4.95 3.77
N GLY A 38 2.44 3.77 3.95
CA GLY A 38 1.73 3.49 5.18
C GLY A 38 2.75 3.17 6.25
N ALA A 39 2.57 3.71 7.44
CA ALA A 39 3.53 3.50 8.52
C ALA A 39 3.21 2.38 9.51
N GLN A 40 1.98 1.89 9.51
CA GLN A 40 1.57 0.84 10.44
C GLN A 40 1.16 -0.43 9.72
N TRP A 41 -0.06 -0.91 9.96
CA TRP A 41 -0.52 -2.13 9.31
C TRP A 41 -1.48 -1.88 8.16
N GLY A 42 -1.43 -0.69 7.58
CA GLY A 42 -2.32 -0.36 6.48
C GLY A 42 -3.55 0.35 6.97
N ASP A 43 -4.44 0.70 6.05
CA ASP A 43 -5.69 1.38 6.40
C ASP A 43 -5.47 2.68 7.19
N GLU A 44 -4.29 3.25 7.07
CA GLU A 44 -3.98 4.50 7.76
C GLU A 44 -4.69 5.69 7.11
N GLY A 45 -5.16 5.49 5.88
CA GLY A 45 -5.83 6.56 5.16
C GLY A 45 -4.84 7.35 4.31
N LYS A 46 -3.83 6.68 3.78
CA LYS A 46 -2.81 7.35 2.98
C LYS A 46 -3.29 7.83 1.61
N GLY A 47 -4.51 7.44 1.24
CA GLY A 47 -5.07 7.82 -0.05
C GLY A 47 -5.47 9.28 -0.04
N LYS A 48 -5.71 9.81 1.15
CA LYS A 48 -6.09 11.20 1.30
C LYS A 48 -4.86 12.07 1.13
N VAL A 49 -3.70 11.49 1.34
CA VAL A 49 -2.46 12.24 1.18
C VAL A 49 -2.14 12.18 -0.31
N VAL A 50 -2.18 10.97 -0.86
CA VAL A 50 -1.94 10.79 -2.29
C VAL A 50 -2.89 11.69 -3.08
N ASP A 51 -4.18 11.64 -2.75
CA ASP A 51 -5.19 12.45 -3.41
C ASP A 51 -4.85 13.94 -3.29
N LEU A 52 -4.45 14.35 -2.09
CA LEU A 52 -4.08 15.73 -1.85
C LEU A 52 -2.91 16.17 -2.73
N LEU A 53 -1.91 15.29 -2.85
CA LEU A 53 -0.71 15.57 -3.65
C LEU A 53 -0.81 15.35 -5.16
N ALA A 54 -1.70 14.46 -5.60
CA ALA A 54 -1.84 14.16 -7.02
C ALA A 54 -2.32 15.37 -7.84
N THR A 55 -2.85 16.36 -7.14
CA THR A 55 -3.36 17.56 -7.80
C THR A 55 -2.36 18.22 -8.73
N ASP A 56 -1.23 18.69 -8.20
CA ASP A 56 -0.24 19.34 -9.04
C ASP A 56 0.94 18.46 -9.46
N ALA A 57 0.69 17.17 -9.61
CA ALA A 57 1.73 16.22 -9.99
C ALA A 57 1.77 15.97 -11.50
N ASP A 58 2.97 15.85 -12.05
CA ASP A 58 3.13 15.61 -13.49
C ASP A 58 3.00 14.12 -13.77
N ILE A 59 3.53 13.32 -12.85
CA ILE A 59 3.46 11.86 -12.97
C ILE A 59 3.06 11.24 -11.63
N VAL A 60 2.10 10.33 -11.67
CA VAL A 60 1.64 9.63 -10.49
C VAL A 60 1.86 8.15 -10.80
N SER A 61 2.40 7.40 -9.86
CA SER A 61 2.69 5.99 -10.14
C SER A 61 2.63 5.00 -8.98
N ARG A 62 2.86 3.74 -9.33
CA ARG A 62 2.90 2.63 -8.38
C ARG A 62 4.17 1.88 -8.72
N CYS A 63 4.87 1.37 -7.71
CA CYS A 63 6.12 0.65 -7.94
C CYS A 63 6.09 -0.81 -7.47
N GLN A 64 5.12 -1.16 -6.62
CA GLN A 64 4.99 -2.52 -6.10
C GLN A 64 3.49 -2.82 -5.99
N GLY A 65 3.10 -4.07 -6.19
CA GLY A 65 1.70 -4.42 -6.12
C GLY A 65 1.07 -4.33 -4.73
N GLY A 66 1.59 -5.17 -3.83
CA GLY A 66 1.08 -5.20 -2.47
C GLY A 66 -0.03 -6.22 -2.31
N ASN A 67 -1.11 -5.78 -1.68
CA ASN A 67 -2.28 -6.62 -1.43
C ASN A 67 -3.30 -6.32 -2.52
N ASN A 68 -2.96 -5.34 -3.35
CA ASN A 68 -3.80 -4.89 -4.44
C ASN A 68 -5.07 -4.21 -3.91
N ALA A 69 -5.02 -3.82 -2.65
CA ALA A 69 -6.15 -3.16 -2.01
C ALA A 69 -6.65 -2.03 -2.90
N GLY A 70 -7.87 -1.57 -2.64
CA GLY A 70 -8.43 -0.51 -3.44
C GLY A 70 -8.49 0.84 -2.74
N HIS A 71 -8.66 1.88 -3.54
CA HIS A 71 -8.77 3.23 -3.03
C HIS A 71 -9.89 3.93 -3.76
N THR A 72 -10.78 4.59 -3.01
CA THR A 72 -11.89 5.30 -3.62
C THR A 72 -11.63 6.79 -3.66
N VAL A 73 -11.71 7.36 -4.86
CA VAL A 73 -11.51 8.80 -5.06
C VAL A 73 -12.79 9.36 -5.67
N VAL A 74 -13.26 10.48 -5.14
CA VAL A 74 -14.48 11.09 -5.65
C VAL A 74 -14.27 12.44 -6.30
N VAL A 75 -14.79 12.58 -7.52
CA VAL A 75 -14.67 13.82 -8.27
C VAL A 75 -16.00 14.12 -8.96
N ASP A 76 -16.60 15.25 -8.58
CA ASP A 76 -17.89 15.68 -9.15
C ASP A 76 -19.01 14.66 -8.98
N GLY A 77 -19.29 14.29 -7.73
CA GLY A 77 -20.36 13.34 -7.48
C GLY A 77 -20.04 11.93 -7.94
N LYS A 78 -19.13 11.79 -8.89
CA LYS A 78 -18.74 10.48 -9.40
C LYS A 78 -17.73 9.82 -8.48
N GLU A 79 -17.89 8.52 -8.25
CA GLU A 79 -16.98 7.77 -7.38
C GLU A 79 -16.20 6.70 -8.13
N TYR A 80 -14.88 6.80 -8.07
CA TYR A 80 -14.00 5.87 -8.73
C TYR A 80 -13.40 4.85 -7.77
N ASP A 81 -13.09 3.67 -8.29
CA ASP A 81 -12.52 2.60 -7.46
C ASP A 81 -11.24 2.10 -8.13
N PHE A 82 -10.10 2.40 -7.52
CA PHE A 82 -8.81 1.98 -8.07
C PHE A 82 -8.12 0.88 -7.28
N HIS A 83 -7.52 -0.06 -8.01
CA HIS A 83 -6.81 -1.18 -7.40
C HIS A 83 -5.39 -1.28 -7.95
N LEU A 84 -5.29 -1.43 -9.26
CA LEU A 84 -4.01 -1.53 -9.93
C LEU A 84 -3.57 -0.17 -10.47
N LEU A 85 -4.52 0.55 -11.03
CA LEU A 85 -4.25 1.87 -11.59
C LEU A 85 -3.91 2.90 -10.53
N PRO A 86 -2.96 3.80 -10.82
CA PRO A 86 -2.59 4.82 -9.85
C PRO A 86 -3.79 5.75 -9.63
N SER A 87 -4.00 6.16 -8.38
CA SER A 87 -5.12 7.02 -8.04
C SER A 87 -5.03 8.41 -8.68
N GLY A 88 -3.83 8.78 -9.10
CA GLY A 88 -3.66 10.09 -9.72
C GLY A 88 -4.15 10.12 -11.17
N ILE A 89 -4.76 9.03 -11.62
CA ILE A 89 -5.25 8.96 -12.99
C ILE A 89 -6.51 9.82 -13.15
N ILE A 90 -6.92 10.44 -12.05
CA ILE A 90 -8.08 11.32 -12.05
C ILE A 90 -7.64 12.60 -12.75
N ASN A 91 -6.39 12.98 -12.48
CA ASN A 91 -5.77 14.16 -13.05
C ASN A 91 -5.49 13.86 -14.53
N THR A 92 -6.27 14.48 -15.42
CA THR A 92 -6.12 14.26 -16.86
C THR A 92 -4.94 15.06 -17.41
N LYS A 93 -4.35 15.88 -16.56
CA LYS A 93 -3.21 16.71 -16.96
C LYS A 93 -1.92 16.08 -16.47
N ALA A 94 -2.01 14.86 -15.97
CA ALA A 94 -0.83 14.18 -15.48
C ALA A 94 -0.67 12.84 -16.19
N VAL A 95 0.43 12.17 -15.93
CA VAL A 95 0.69 10.88 -16.55
C VAL A 95 0.71 9.81 -15.46
N SER A 96 -0.02 8.72 -15.67
CA SER A 96 -0.06 7.62 -14.71
C SER A 96 0.90 6.53 -15.16
N PHE A 97 1.73 6.06 -14.25
CA PHE A 97 2.74 5.07 -14.60
C PHE A 97 2.73 3.86 -13.67
N ILE A 98 2.81 2.67 -14.26
CA ILE A 98 2.88 1.42 -13.49
C ILE A 98 4.31 0.92 -13.65
N GLY A 99 4.99 0.72 -12.52
CA GLY A 99 6.37 0.26 -12.54
C GLY A 99 6.61 -1.22 -12.75
N ASN A 100 7.87 -1.55 -13.02
CA ASN A 100 8.30 -2.94 -13.24
C ASN A 100 8.07 -3.80 -12.03
N GLY A 101 8.08 -3.19 -10.84
CA GLY A 101 7.88 -3.93 -9.60
C GLY A 101 6.45 -4.33 -9.31
N VAL A 102 5.56 -4.12 -10.28
CA VAL A 102 4.16 -4.47 -10.09
C VAL A 102 3.77 -5.72 -10.89
N VAL A 103 3.00 -6.60 -10.28
CA VAL A 103 2.54 -7.80 -10.99
C VAL A 103 1.15 -7.43 -11.50
N ILE A 104 0.90 -7.66 -12.80
CA ILE A 104 -0.40 -7.30 -13.35
C ILE A 104 -1.19 -8.43 -13.98
N HIS A 105 -2.50 -8.40 -13.76
CA HIS A 105 -3.44 -9.37 -14.31
C HIS A 105 -4.17 -8.60 -15.41
N LEU A 106 -3.88 -8.92 -16.66
CA LEU A 106 -4.50 -8.23 -17.79
C LEU A 106 -6.02 -8.12 -17.68
N PRO A 107 -6.70 -9.23 -17.40
CA PRO A 107 -8.15 -9.05 -17.30
C PRO A 107 -8.49 -8.15 -16.12
N GLY A 108 -7.79 -8.36 -15.00
CA GLY A 108 -8.04 -7.54 -13.83
C GLY A 108 -7.90 -6.07 -14.17
N LEU A 109 -6.84 -5.73 -14.89
CA LEU A 109 -6.58 -4.35 -15.27
C LEU A 109 -7.69 -3.71 -16.11
N PHE A 110 -7.97 -4.30 -17.27
CA PHE A 110 -9.00 -3.76 -18.15
C PHE A 110 -10.39 -3.78 -17.54
N GLU A 111 -10.67 -4.79 -16.72
CA GLU A 111 -11.97 -4.89 -16.06
C GLU A 111 -12.13 -3.67 -15.14
N GLU A 112 -11.02 -3.26 -14.54
CA GLU A 112 -10.98 -2.13 -13.63
C GLU A 112 -11.02 -0.82 -14.40
N ALA A 113 -10.27 -0.77 -15.50
CA ALA A 113 -10.21 0.41 -16.34
C ALA A 113 -11.54 0.71 -17.02
N GLU A 114 -12.15 -0.32 -17.62
CA GLU A 114 -13.44 -0.15 -18.30
C GLU A 114 -14.50 0.31 -17.30
N LYS A 115 -14.56 -0.37 -16.16
CA LYS A 115 -15.52 -0.04 -15.11
C LYS A 115 -15.49 1.47 -14.82
N ASN A 116 -14.30 2.01 -14.60
CA ASN A 116 -14.15 3.43 -14.31
C ASN A 116 -14.39 4.26 -15.57
N GLU A 117 -14.11 3.68 -16.73
CA GLU A 117 -14.31 4.37 -17.99
C GLU A 117 -15.79 4.68 -18.07
N LYS A 118 -16.62 3.73 -17.65
CA LYS A 118 -18.08 3.84 -17.67
C LYS A 118 -18.59 4.72 -16.54
N LYS A 119 -17.68 5.22 -15.70
CA LYS A 119 -18.06 6.09 -14.58
C LYS A 119 -17.71 7.56 -14.83
N GLY A 120 -17.01 7.82 -15.93
CA GLY A 120 -16.65 9.19 -16.25
C GLY A 120 -15.18 9.37 -16.61
N LEU A 121 -14.38 8.35 -16.30
CA LEU A 121 -12.95 8.40 -16.56
C LEU A 121 -12.60 8.11 -18.01
N LYS A 122 -12.72 9.12 -18.88
CA LYS A 122 -12.42 8.94 -20.29
C LYS A 122 -11.01 9.35 -20.68
N ASP A 123 -10.51 8.73 -21.75
CA ASP A 123 -9.17 9.01 -22.27
C ASP A 123 -8.07 8.54 -21.35
N TRP A 124 -8.37 7.60 -20.46
CA TRP A 124 -7.38 7.08 -19.54
C TRP A 124 -6.25 6.36 -20.29
N GLU A 125 -6.61 5.63 -21.33
CA GLU A 125 -5.61 4.92 -22.11
C GLU A 125 -4.63 5.91 -22.73
N LYS A 126 -4.99 7.17 -22.71
CA LYS A 126 -4.15 8.23 -23.28
C LYS A 126 -3.11 8.76 -22.29
N ARG A 127 -3.29 8.49 -21.00
CA ARG A 127 -2.33 8.96 -20.02
C ARG A 127 -1.73 7.88 -19.12
N LEU A 128 -1.93 6.62 -19.50
CA LEU A 128 -1.40 5.50 -18.73
C LEU A 128 -0.22 4.84 -19.45
N ILE A 129 0.87 4.60 -18.73
CA ILE A 129 2.05 3.95 -19.29
C ILE A 129 2.45 2.77 -18.38
N ILE A 130 2.61 1.58 -18.97
CA ILE A 130 2.99 0.38 -18.22
C ILE A 130 4.43 0.00 -18.56
N SER A 131 5.26 -0.20 -17.53
CA SER A 131 6.65 -0.59 -17.75
C SER A 131 6.69 -2.00 -18.32
N ASP A 132 7.39 -2.16 -19.44
CA ASP A 132 7.47 -3.47 -20.08
C ASP A 132 8.18 -4.52 -19.23
N ARG A 133 8.78 -4.11 -18.13
CA ARG A 133 9.49 -5.05 -17.27
C ARG A 133 8.60 -5.63 -16.16
N ALA A 134 7.31 -5.29 -16.18
CA ALA A 134 6.38 -5.80 -15.18
C ALA A 134 5.96 -7.24 -15.47
N HIS A 135 5.89 -8.07 -14.43
CA HIS A 135 5.50 -9.46 -14.57
C HIS A 135 3.99 -9.62 -14.71
N LEU A 136 3.59 -10.67 -15.41
CA LEU A 136 2.17 -10.95 -15.64
C LEU A 136 1.60 -11.99 -14.70
N VAL A 137 0.45 -11.67 -14.14
CA VAL A 137 -0.28 -12.56 -13.26
C VAL A 137 -1.23 -13.30 -14.19
N PHE A 138 -0.97 -14.57 -14.46
CA PHE A 138 -1.83 -15.33 -15.34
C PHE A 138 -2.99 -15.98 -14.58
N ASP A 139 -4.05 -16.32 -15.30
CA ASP A 139 -5.23 -16.92 -14.67
C ASP A 139 -4.90 -18.11 -13.76
N PHE A 140 -3.97 -18.97 -14.19
CA PHE A 140 -3.62 -20.12 -13.35
C PHE A 140 -2.85 -19.72 -12.09
N HIS A 141 -2.31 -18.50 -12.06
CA HIS A 141 -1.60 -18.05 -10.86
C HIS A 141 -2.66 -17.77 -9.80
N GLN A 142 -3.80 -17.25 -10.23
CA GLN A 142 -4.90 -16.95 -9.31
C GLN A 142 -5.53 -18.28 -8.88
N ALA A 143 -5.49 -19.25 -9.78
CA ALA A 143 -6.05 -20.56 -9.49
C ALA A 143 -5.28 -21.23 -8.35
N VAL A 144 -3.99 -21.48 -8.56
CA VAL A 144 -3.18 -22.14 -7.53
C VAL A 144 -3.25 -21.36 -6.22
N ASP A 145 -3.45 -20.05 -6.31
CA ASP A 145 -3.53 -19.21 -5.13
C ASP A 145 -4.83 -19.53 -4.43
N GLY A 146 -5.92 -19.56 -5.20
CA GLY A 146 -7.21 -19.88 -4.63
C GLY A 146 -7.34 -21.39 -4.50
N LEU A 147 -6.21 -22.04 -4.27
CA LEU A 147 -6.16 -23.49 -4.12
C LEU A 147 -5.24 -23.86 -2.95
N GLN A 148 -4.16 -23.09 -2.79
CA GLN A 148 -3.21 -23.34 -1.72
C GLN A 148 -3.78 -22.90 -0.37
N GLU A 149 -4.50 -21.79 -0.37
CA GLU A 149 -5.11 -21.27 0.85
C GLU A 149 -5.83 -22.40 1.56
N VAL A 150 -6.51 -23.23 0.78
CA VAL A 150 -7.25 -24.38 1.29
C VAL A 150 -6.30 -25.41 1.90
N GLN A 151 -5.59 -26.13 1.04
CA GLN A 151 -4.64 -27.15 1.48
C GLN A 151 -3.67 -26.59 2.54
N ARG A 152 -3.48 -25.28 2.51
CA ARG A 152 -2.58 -24.63 3.46
C ARG A 152 -3.25 -24.49 4.81
N GLN A 153 -4.56 -24.32 4.80
CA GLN A 153 -5.32 -24.16 6.04
C GLN A 153 -6.22 -25.34 6.38
N ALA A 154 -7.49 -25.28 5.98
CA ALA A 154 -8.46 -26.33 6.26
C ALA A 154 -8.71 -26.39 7.77
N GLN A 155 -9.32 -27.49 8.22
CA GLN A 155 -9.64 -27.70 9.63
C GLN A 155 -9.24 -26.58 10.59
N GLU A 156 -7.95 -26.43 10.89
CA GLU A 156 -7.51 -25.38 11.82
C GLU A 156 -6.05 -24.94 11.69
N GLY A 157 -5.63 -24.58 10.48
CA GLY A 157 -4.26 -24.14 10.26
C GLY A 157 -4.00 -22.70 10.67
N LYS A 158 -3.25 -21.97 9.84
CA LYS A 158 -2.93 -20.57 10.11
C LYS A 158 -3.29 -19.74 8.88
N ASN A 159 -4.60 -19.58 8.64
CA ASN A 159 -5.11 -18.82 7.50
C ASN A 159 -4.56 -17.40 7.38
N ILE A 160 -3.31 -17.29 6.92
CA ILE A 160 -2.68 -15.99 6.75
C ILE A 160 -3.60 -15.09 5.94
N GLY A 161 -4.41 -15.69 5.09
CA GLY A 161 -5.34 -14.94 4.28
C GLY A 161 -4.72 -14.54 2.94
N THR A 162 -4.10 -15.51 2.27
CA THR A 162 -3.46 -15.26 0.99
C THR A 162 -4.48 -14.72 -0.02
N THR A 163 -4.58 -13.39 -0.08
CA THR A 163 -5.50 -12.72 -0.99
C THR A 163 -5.48 -13.39 -2.35
N LYS A 164 -6.58 -14.07 -2.69
CA LYS A 164 -6.69 -14.80 -3.95
C LYS A 164 -6.66 -13.94 -5.22
N LYS A 165 -5.57 -13.19 -5.35
CA LYS A 165 -5.35 -12.33 -6.51
C LYS A 165 -4.20 -12.95 -7.29
N GLY A 166 -3.67 -14.05 -6.75
CA GLY A 166 -2.57 -14.74 -7.39
C GLY A 166 -1.25 -14.00 -7.32
N ILE A 167 -1.15 -13.02 -6.43
CA ILE A 167 0.07 -12.22 -6.28
C ILE A 167 1.31 -13.02 -5.89
N GLY A 168 1.17 -13.88 -4.89
CA GLY A 168 2.29 -14.70 -4.44
C GLY A 168 2.74 -15.70 -5.49
N PRO A 169 1.81 -16.45 -6.10
CA PRO A 169 2.17 -17.43 -7.12
C PRO A 169 3.00 -16.82 -8.25
N THR A 170 2.63 -15.62 -8.69
CA THR A 170 3.37 -14.98 -9.76
C THR A 170 4.74 -14.49 -9.26
N TYR A 171 4.82 -14.09 -8.00
CA TYR A 171 6.09 -13.64 -7.43
C TYR A 171 7.11 -14.77 -7.31
N SER A 172 6.60 -16.00 -7.27
CA SER A 172 7.47 -17.17 -7.18
C SER A 172 7.99 -17.50 -8.57
N SER A 173 7.16 -17.30 -9.59
CA SER A 173 7.56 -17.57 -10.95
C SER A 173 8.73 -16.61 -11.24
N LYS A 174 8.57 -15.37 -10.77
CA LYS A 174 9.60 -14.37 -10.94
C LYS A 174 10.87 -14.92 -10.32
N ALA A 175 10.74 -15.42 -9.09
CA ALA A 175 11.88 -16.00 -8.38
C ALA A 175 12.50 -17.15 -9.18
N ALA A 176 11.66 -18.05 -9.67
CA ALA A 176 12.13 -19.19 -10.46
C ALA A 176 12.64 -18.75 -11.84
N ARG A 177 12.53 -17.46 -12.13
CA ARG A 177 12.97 -16.91 -13.41
C ARG A 177 12.24 -17.61 -14.55
N THR A 178 11.19 -18.33 -14.18
CA THR A 178 10.41 -19.08 -15.15
C THR A 178 9.09 -18.38 -15.50
N GLY A 179 8.95 -17.12 -15.10
CA GLY A 179 7.75 -16.35 -15.37
C GLY A 179 7.85 -15.45 -16.59
N LEU A 180 6.76 -14.78 -16.90
CA LEU A 180 6.70 -13.89 -18.07
C LEU A 180 6.34 -12.46 -17.74
N ARG A 181 6.70 -11.55 -18.62
CA ARG A 181 6.44 -10.14 -18.42
C ARG A 181 5.81 -9.51 -19.65
N ILE A 182 5.34 -8.27 -19.49
CA ILE A 182 4.73 -7.52 -20.57
C ILE A 182 5.59 -7.54 -21.82
N CYS A 183 6.88 -7.24 -21.67
CA CYS A 183 7.76 -7.20 -22.82
C CYS A 183 7.79 -8.50 -23.60
N ASP A 184 7.60 -9.62 -22.91
CA ASP A 184 7.60 -10.93 -23.57
C ASP A 184 6.28 -11.13 -24.33
N LEU A 185 5.19 -10.69 -23.73
CA LEU A 185 3.87 -10.80 -24.34
C LEU A 185 3.82 -9.96 -25.61
N LEU A 186 4.60 -8.88 -25.64
CA LEU A 186 4.67 -7.96 -26.76
C LEU A 186 5.65 -8.35 -27.86
N SER A 187 6.58 -9.23 -27.53
CA SER A 187 7.59 -9.70 -28.48
C SER A 187 7.00 -10.80 -29.38
N ASP A 188 7.85 -11.69 -29.90
CA ASP A 188 7.38 -12.78 -30.76
C ASP A 188 6.35 -13.60 -30.01
N PHE A 189 5.15 -13.70 -30.56
CA PHE A 189 4.09 -14.43 -29.89
C PHE A 189 4.23 -15.95 -29.85
N ASP A 190 4.95 -16.53 -30.79
CA ASP A 190 5.11 -17.98 -30.78
C ASP A 190 5.98 -18.38 -29.59
N GLU A 191 7.15 -17.74 -29.49
CA GLU A 191 8.05 -18.03 -28.39
C GLU A 191 7.32 -17.81 -27.06
N PHE A 192 6.56 -16.74 -26.99
CA PHE A 192 5.80 -16.44 -25.78
C PHE A 192 4.76 -17.51 -25.53
N SER A 193 3.92 -17.78 -26.53
CA SER A 193 2.87 -18.79 -26.42
C SER A 193 3.47 -20.12 -26.00
N ALA A 194 4.65 -20.41 -26.51
CA ALA A 194 5.34 -21.65 -26.18
C ALA A 194 5.87 -21.57 -24.75
N ARG A 195 6.29 -20.38 -24.34
CA ARG A 195 6.82 -20.22 -22.99
C ARG A 195 5.68 -20.21 -21.98
N PHE A 196 4.51 -19.79 -22.44
CA PHE A 196 3.32 -19.77 -21.59
C PHE A 196 2.96 -21.23 -21.30
N LYS A 197 3.05 -22.06 -22.34
CA LYS A 197 2.72 -23.47 -22.23
C LYS A 197 3.63 -24.23 -21.25
N ASN A 198 4.93 -23.98 -21.32
CA ASN A 198 5.87 -24.65 -20.44
C ASN A 198 5.64 -24.24 -18.98
N LEU A 199 5.21 -23.01 -18.77
CA LEU A 199 4.96 -22.51 -17.43
C LEU A 199 3.71 -23.15 -16.84
N ALA A 200 2.63 -23.18 -17.62
CA ALA A 200 1.37 -23.76 -17.17
C ALA A 200 1.55 -25.25 -16.92
N HIS A 201 2.38 -25.90 -17.72
CA HIS A 201 2.65 -27.32 -17.58
C HIS A 201 3.27 -27.57 -16.20
N GLN A 202 4.36 -26.86 -15.92
CA GLN A 202 5.05 -27.00 -14.64
C GLN A 202 4.08 -26.82 -13.49
N HIS A 203 3.21 -25.82 -13.60
CA HIS A 203 2.23 -25.57 -12.56
C HIS A 203 1.33 -26.79 -12.39
N GLN A 204 0.80 -27.31 -13.49
CA GLN A 204 -0.05 -28.49 -13.44
C GLN A 204 0.71 -29.69 -12.90
N SER A 205 2.03 -29.60 -12.95
CA SER A 205 2.87 -30.68 -12.44
C SER A 205 3.07 -30.55 -10.95
N MET A 206 2.88 -29.34 -10.43
CA MET A 206 3.05 -29.10 -8.98
C MET A 206 1.68 -29.14 -8.29
N PHE A 207 0.63 -28.96 -9.07
CA PHE A 207 -0.74 -28.98 -8.58
C PHE A 207 -1.60 -29.72 -9.59
N PRO A 208 -1.82 -31.03 -9.38
CA PRO A 208 -2.62 -31.88 -10.26
C PRO A 208 -4.10 -31.51 -10.34
N THR A 209 -4.64 -31.00 -9.24
CA THR A 209 -6.04 -30.61 -9.18
C THR A 209 -6.21 -29.19 -9.74
N LEU A 210 -5.33 -28.82 -10.66
CA LEU A 210 -5.35 -27.49 -11.24
C LEU A 210 -5.75 -27.51 -12.72
N GLU A 211 -6.96 -27.02 -13.01
CA GLU A 211 -7.47 -26.98 -14.38
C GLU A 211 -7.05 -25.67 -15.04
N ILE A 212 -6.74 -25.71 -16.34
CA ILE A 212 -6.32 -24.50 -17.03
C ILE A 212 -7.03 -24.10 -18.32
N ASP A 213 -6.74 -24.80 -19.41
CA ASP A 213 -7.29 -24.51 -20.74
C ASP A 213 -6.36 -23.48 -21.37
N VAL A 214 -5.18 -23.95 -21.75
CA VAL A 214 -4.13 -23.14 -22.36
C VAL A 214 -4.58 -22.30 -23.55
N GLU A 215 -4.94 -22.96 -24.65
CA GLU A 215 -5.36 -22.28 -25.86
C GLU A 215 -6.37 -21.15 -25.61
N GLY A 216 -7.31 -21.40 -24.71
CA GLY A 216 -8.31 -20.39 -24.39
C GLY A 216 -7.71 -19.16 -23.75
N GLN A 217 -6.78 -19.37 -22.82
CA GLN A 217 -6.11 -18.27 -22.12
C GLN A 217 -5.12 -17.55 -23.04
N LEU A 218 -4.33 -18.32 -23.78
CA LEU A 218 -3.36 -17.75 -24.70
C LEU A 218 -4.08 -16.89 -25.73
N LYS A 219 -5.23 -17.37 -26.18
CA LYS A 219 -6.02 -16.65 -27.17
C LYS A 219 -6.44 -15.30 -26.59
N ARG A 220 -6.94 -15.35 -25.35
CA ARG A 220 -7.37 -14.14 -24.66
C ARG A 220 -6.18 -13.20 -24.39
N LEU A 221 -5.00 -13.77 -24.19
CA LEU A 221 -3.81 -12.97 -23.96
C LEU A 221 -3.36 -12.29 -25.26
N LYS A 222 -3.41 -13.03 -26.36
CA LYS A 222 -3.02 -12.45 -27.64
C LYS A 222 -3.92 -11.24 -27.91
N GLY A 223 -5.10 -11.24 -27.32
CA GLY A 223 -6.00 -10.12 -27.50
C GLY A 223 -5.52 -8.94 -26.69
N PHE A 224 -5.04 -9.25 -25.48
CA PHE A 224 -4.54 -8.22 -24.56
C PHE A 224 -3.26 -7.57 -25.06
N ALA A 225 -2.44 -8.36 -25.75
CA ALA A 225 -1.18 -7.87 -26.27
C ALA A 225 -1.39 -6.62 -27.11
N GLU A 226 -2.28 -6.71 -28.08
CA GLU A 226 -2.55 -5.60 -28.97
C GLU A 226 -3.29 -4.46 -28.30
N ARG A 227 -4.15 -4.81 -27.36
CA ARG A 227 -4.94 -3.83 -26.63
C ARG A 227 -4.07 -3.00 -25.69
N ILE A 228 -3.01 -3.61 -25.15
CA ILE A 228 -2.12 -2.93 -24.22
C ILE A 228 -0.83 -2.38 -24.83
N ARG A 229 -0.49 -2.83 -26.03
CA ARG A 229 0.73 -2.40 -26.69
C ARG A 229 1.00 -0.90 -26.75
N PRO A 230 -0.01 -0.08 -27.12
CA PRO A 230 0.21 1.37 -27.20
C PRO A 230 0.53 2.07 -25.89
N MET A 231 0.39 1.37 -24.77
CA MET A 231 0.68 1.96 -23.47
C MET A 231 1.99 1.49 -22.86
N VAL A 232 2.49 0.35 -23.32
CA VAL A 232 3.74 -0.17 -22.79
C VAL A 232 4.92 0.63 -23.31
N ARG A 233 5.92 0.81 -22.46
CA ARG A 233 7.15 1.52 -22.77
C ARG A 233 8.27 1.00 -21.90
N ASP A 234 9.49 1.45 -22.18
CA ASP A 234 10.64 1.05 -21.39
C ASP A 234 10.50 1.86 -20.10
N GLY A 235 10.22 1.18 -19.00
CA GLY A 235 10.03 1.87 -17.73
C GLY A 235 11.25 2.59 -17.21
N VAL A 236 12.40 1.92 -17.26
CA VAL A 236 13.62 2.52 -16.75
C VAL A 236 13.96 3.80 -17.49
N TYR A 237 13.98 3.75 -18.81
CA TYR A 237 14.30 4.94 -19.60
C TYR A 237 13.20 6.00 -19.43
N PHE A 238 11.95 5.56 -19.36
CA PHE A 238 10.86 6.51 -19.17
C PHE A 238 11.04 7.35 -17.92
N MET A 239 11.51 6.73 -16.83
CA MET A 239 11.74 7.44 -15.57
C MET A 239 13.02 8.27 -15.58
N TYR A 240 14.10 7.72 -16.12
CA TYR A 240 15.39 8.43 -16.15
C TYR A 240 15.27 9.76 -16.86
N GLU A 241 14.51 9.77 -17.96
CA GLU A 241 14.27 10.96 -18.75
C GLU A 241 13.37 11.91 -17.99
N ALA A 242 12.37 11.36 -17.31
CA ALA A 242 11.43 12.17 -16.54
C ALA A 242 12.12 13.00 -15.48
N LEU A 243 13.07 12.41 -14.77
CA LEU A 243 13.74 13.18 -13.73
C LEU A 243 15.08 13.79 -14.12
N HIS A 244 15.45 13.67 -15.39
CA HIS A 244 16.69 14.26 -15.86
C HIS A 244 16.42 15.32 -16.93
N GLY A 245 15.15 15.51 -17.25
CA GLY A 245 14.79 16.53 -18.22
C GLY A 245 14.41 17.75 -17.41
N PRO A 246 13.49 18.60 -17.87
CA PRO A 246 13.14 19.76 -17.05
C PRO A 246 12.41 19.34 -15.76
N PRO A 247 12.54 20.14 -14.69
CA PRO A 247 11.90 19.82 -13.41
C PRO A 247 10.46 19.30 -13.44
N LYS A 248 10.27 18.06 -12.99
CA LYS A 248 8.96 17.43 -12.93
C LYS A 248 8.64 17.00 -11.52
N LYS A 249 7.35 16.93 -11.23
CA LYS A 249 6.88 16.52 -9.92
C LYS A 249 6.31 15.13 -10.09
N VAL A 250 7.02 14.14 -9.56
CA VAL A 250 6.61 12.74 -9.64
C VAL A 250 6.18 12.29 -8.24
N LEU A 251 5.01 11.64 -8.18
CA LEU A 251 4.45 11.13 -6.95
C LEU A 251 4.37 9.60 -7.03
N VAL A 252 4.72 8.93 -5.95
CA VAL A 252 4.67 7.47 -5.93
C VAL A 252 3.75 6.99 -4.80
N GLU A 253 2.77 6.15 -5.14
CA GLU A 253 1.85 5.62 -4.14
C GLU A 253 2.38 4.31 -3.60
N GLY A 254 2.67 4.27 -2.30
CA GLY A 254 3.18 3.06 -1.69
C GLY A 254 2.08 2.02 -1.62
N ALA A 255 2.45 0.74 -1.77
CA ALA A 255 1.49 -0.36 -1.74
C ALA A 255 0.58 -0.46 -0.51
N ASN A 256 1.13 -0.88 0.63
CA ASN A 256 0.27 -1.03 1.79
C ASN A 256 0.74 -0.27 3.01
N ALA A 257 1.62 -0.90 3.77
CA ALA A 257 2.17 -0.31 4.98
C ALA A 257 3.44 -1.06 5.35
N ALA A 258 4.28 -0.42 6.17
CA ALA A 258 5.56 -0.98 6.60
C ALA A 258 5.51 -2.37 7.22
N LEU A 259 4.53 -2.63 8.07
CA LEU A 259 4.43 -3.93 8.71
C LEU A 259 3.79 -5.02 7.87
N LEU A 260 3.49 -4.71 6.61
CA LEU A 260 2.93 -5.69 5.69
C LEU A 260 3.97 -5.93 4.61
N ASP A 261 5.18 -5.42 4.84
CA ASP A 261 6.32 -5.55 3.94
C ASP A 261 6.90 -6.98 3.98
N ILE A 262 7.11 -7.58 2.81
CA ILE A 262 7.63 -8.94 2.74
C ILE A 262 8.84 -9.14 3.65
N ASP A 263 9.82 -8.24 3.55
CA ASP A 263 11.02 -8.34 4.37
C ASP A 263 10.88 -7.81 5.79
N PHE A 264 10.30 -6.63 5.95
CA PHE A 264 10.20 -5.99 7.24
C PHE A 264 8.89 -6.05 8.01
N GLY A 265 7.82 -6.52 7.39
CA GLY A 265 6.55 -6.60 8.07
C GLY A 265 6.48 -7.69 9.11
N THR A 266 5.32 -7.85 9.72
CA THR A 266 5.13 -8.87 10.74
C THR A 266 4.93 -10.22 10.07
N TYR A 267 5.98 -10.71 9.41
CA TYR A 267 5.99 -11.99 8.70
C TYR A 267 5.49 -13.14 9.59
N PRO A 268 4.73 -14.10 9.03
CA PRO A 268 4.30 -14.26 7.65
C PRO A 268 3.01 -13.50 7.29
N PHE A 269 2.38 -12.89 8.29
CA PHE A 269 1.16 -12.12 8.07
C PHE A 269 1.57 -10.84 7.35
N VAL A 270 2.02 -11.02 6.13
CA VAL A 270 2.53 -9.92 5.35
C VAL A 270 2.17 -10.08 3.87
N THR A 271 2.51 -9.07 3.09
CA THR A 271 2.26 -9.05 1.66
C THR A 271 3.50 -9.65 0.95
N SER A 272 3.41 -9.89 -0.35
CA SER A 272 4.55 -10.44 -1.08
C SER A 272 5.49 -9.37 -1.63
N SER A 273 5.16 -8.11 -1.38
CA SER A 273 5.95 -6.99 -1.87
C SER A 273 6.69 -6.21 -0.81
N ASN A 274 7.69 -5.45 -1.25
CA ASN A 274 8.42 -4.59 -0.35
C ASN A 274 7.51 -3.37 -0.35
N CYS A 275 6.96 -3.04 0.81
CA CYS A 275 6.04 -1.91 0.91
C CYS A 275 6.73 -0.70 1.51
N THR A 276 8.06 -0.78 1.57
CA THR A 276 8.87 0.30 2.13
C THR A 276 9.60 1.09 1.05
N VAL A 277 10.27 2.16 1.47
CA VAL A 277 10.98 3.04 0.55
C VAL A 277 11.93 2.34 -0.42
N GLY A 278 12.58 1.27 0.02
CA GLY A 278 13.50 0.57 -0.86
C GLY A 278 12.83 0.09 -2.13
N GLY A 279 11.57 -0.35 -1.98
CA GLY A 279 10.81 -0.85 -3.11
C GLY A 279 10.57 0.20 -4.16
N VAL A 280 10.79 1.47 -3.82
CA VAL A 280 10.60 2.52 -4.81
C VAL A 280 11.78 2.44 -5.76
N CYS A 281 12.96 2.15 -5.23
CA CYS A 281 14.14 2.03 -6.08
C CYS A 281 14.06 0.77 -6.96
N THR A 282 13.65 -0.34 -6.35
CA THR A 282 13.56 -1.61 -7.07
C THR A 282 12.28 -1.74 -7.92
N GLY A 283 11.26 -0.98 -7.56
CA GLY A 283 10.01 -1.03 -8.31
C GLY A 283 9.94 -0.05 -9.47
N LEU A 284 10.87 0.91 -9.51
CA LEU A 284 10.88 1.91 -10.57
C LEU A 284 12.20 1.99 -11.33
N GLY A 285 13.28 1.51 -10.71
CA GLY A 285 14.56 1.56 -11.36
C GLY A 285 15.23 2.91 -11.22
N ILE A 286 15.04 3.58 -10.09
CA ILE A 286 15.67 4.89 -9.88
C ILE A 286 16.57 4.87 -8.65
N PRO A 287 17.78 5.44 -8.76
CA PRO A 287 18.73 5.47 -7.63
C PRO A 287 18.22 6.27 -6.44
N PRO A 288 18.71 5.92 -5.25
CA PRO A 288 18.30 6.60 -4.01
C PRO A 288 18.40 8.14 -4.02
N GLN A 289 19.26 8.71 -4.85
CA GLN A 289 19.39 10.16 -4.87
C GLN A 289 18.19 10.82 -5.54
N ASN A 290 17.48 10.04 -6.34
CA ASN A 290 16.29 10.55 -7.03
C ASN A 290 15.05 10.40 -6.17
N ILE A 291 15.27 10.16 -4.87
CA ILE A 291 14.18 10.04 -3.92
C ILE A 291 14.25 11.23 -2.95
N GLY A 292 13.19 12.04 -2.94
CA GLY A 292 13.16 13.20 -2.07
C GLY A 292 12.30 13.05 -0.82
N ASP A 293 11.13 13.68 -0.81
CA ASP A 293 10.24 13.58 0.34
C ASP A 293 9.55 12.22 0.43
N VAL A 294 9.58 11.66 1.64
CA VAL A 294 8.95 10.38 1.90
C VAL A 294 8.04 10.57 3.10
N TYR A 295 6.75 10.67 2.86
CA TYR A 295 5.79 10.88 3.93
C TYR A 295 5.29 9.58 4.53
N GLY A 296 5.28 9.51 5.85
CA GLY A 296 4.78 8.34 6.52
C GLY A 296 3.36 8.63 6.98
N VAL A 297 2.40 7.83 6.53
CA VAL A 297 1.03 8.05 6.94
C VAL A 297 0.77 7.22 8.18
N VAL A 298 0.47 7.91 9.27
CA VAL A 298 0.22 7.26 10.55
C VAL A 298 -1.15 7.58 11.15
N LYS A 299 -1.87 6.54 11.55
CA LYS A 299 -3.18 6.74 12.15
C LYS A 299 -3.02 7.13 13.63
N ALA A 300 -3.93 7.96 14.13
CA ALA A 300 -3.87 8.41 15.52
C ALA A 300 -4.00 7.26 16.52
N TYR A 301 -4.33 6.08 16.00
CA TYR A 301 -4.45 4.86 16.80
C TYR A 301 -4.06 3.69 15.87
N THR A 302 -3.91 2.48 16.41
CA THR A 302 -3.49 1.33 15.60
C THR A 302 -4.61 0.35 15.24
N THR A 303 -4.62 -0.12 14.00
CA THR A 303 -5.60 -1.12 13.56
C THR A 303 -4.83 -2.22 12.85
N ARG A 304 -5.50 -3.35 12.61
CA ARG A 304 -4.87 -4.48 11.94
C ARG A 304 -5.96 -5.51 11.58
N VAL A 305 -5.78 -6.23 10.48
CA VAL A 305 -6.78 -7.23 10.12
C VAL A 305 -6.23 -8.65 10.15
N GLY A 306 -7.02 -9.55 10.73
CA GLY A 306 -6.61 -10.95 10.81
C GLY A 306 -5.63 -11.36 11.91
N ILE A 307 -5.40 -12.67 11.94
CA ILE A 307 -4.50 -13.33 12.89
C ILE A 307 -3.15 -12.62 13.02
N GLY A 308 -2.49 -12.83 14.15
CA GLY A 308 -1.20 -12.22 14.38
C GLY A 308 -1.10 -11.45 15.68
N ALA A 309 0.13 -11.26 16.16
CA ALA A 309 0.39 -10.53 17.39
C ALA A 309 -0.04 -9.08 17.27
N PHE A 310 -0.49 -8.50 18.37
CA PHE A 310 -0.94 -7.10 18.38
C PHE A 310 -0.74 -6.54 19.78
N PRO A 311 0.48 -6.02 20.07
CA PRO A 311 0.86 -5.44 21.37
C PRO A 311 -0.11 -4.47 22.04
N THR A 312 -0.60 -3.47 21.32
CA THR A 312 -1.51 -2.51 21.94
C THR A 312 -3.00 -2.75 21.74
N GLU A 313 -3.36 -3.92 21.21
CA GLU A 313 -4.76 -4.26 20.95
C GLU A 313 -5.66 -4.06 22.17
N GLN A 314 -6.84 -3.50 21.94
CA GLN A 314 -7.79 -3.27 23.03
C GLN A 314 -9.08 -4.07 22.81
N ILE A 315 -9.19 -5.22 23.46
CA ILE A 315 -10.40 -6.03 23.35
C ILE A 315 -11.26 -5.58 24.51
N ASN A 316 -11.86 -4.40 24.37
CA ASN A 316 -12.70 -3.86 25.42
C ASN A 316 -13.52 -2.69 24.88
N GLU A 317 -14.06 -1.90 25.80
CA GLU A 317 -14.86 -0.73 25.48
C GLU A 317 -14.10 0.26 24.60
N ILE A 318 -12.81 0.44 24.85
CA ILE A 318 -12.00 1.37 24.06
C ILE A 318 -11.92 0.89 22.61
N GLY A 319 -11.53 -0.37 22.42
CA GLY A 319 -11.45 -0.92 21.08
C GLY A 319 -12.76 -0.75 20.33
N ASP A 320 -13.88 -1.10 20.96
CA ASP A 320 -15.18 -0.96 20.34
C ASP A 320 -15.42 0.47 19.90
N LEU A 321 -14.96 1.41 20.72
CA LEU A 321 -15.11 2.83 20.43
C LEU A 321 -14.28 3.23 19.20
N LEU A 322 -13.00 2.85 19.21
CA LEU A 322 -12.10 3.17 18.09
C LEU A 322 -12.60 2.51 16.82
N GLN A 323 -13.25 1.37 16.97
CA GLN A 323 -13.75 0.63 15.85
C GLN A 323 -15.01 1.31 15.29
N ASN A 324 -15.85 1.81 16.19
CA ASN A 324 -17.09 2.48 15.77
C ASN A 324 -16.88 3.86 15.20
N ARG A 325 -16.16 4.70 15.93
CA ARG A 325 -15.90 6.07 15.51
C ARG A 325 -15.01 6.09 14.27
N GLY A 326 -14.20 5.05 14.10
CA GLY A 326 -13.32 5.00 12.95
C GLY A 326 -13.85 4.22 11.75
N HIS A 327 -14.97 3.53 11.91
CA HIS A 327 -15.52 2.73 10.81
C HIS A 327 -14.45 1.75 10.35
N GLU A 328 -13.81 1.11 11.32
CA GLU A 328 -12.73 0.18 11.04
C GLU A 328 -13.19 -1.21 10.66
N TRP A 329 -13.59 -1.37 9.40
CA TRP A 329 -14.03 -2.66 8.88
C TRP A 329 -13.85 -2.80 7.39
N GLY A 330 -13.66 -4.03 6.95
CA GLY A 330 -13.48 -4.32 5.55
C GLY A 330 -14.50 -3.60 4.70
N VAL A 331 -14.03 -2.95 3.64
CA VAL A 331 -14.88 -2.21 2.73
C VAL A 331 -15.73 -3.12 1.85
N THR A 332 -15.30 -4.36 1.63
CA THR A 332 -16.07 -5.28 0.80
C THR A 332 -16.65 -6.43 1.61
N THR A 333 -15.90 -6.91 2.60
CA THR A 333 -16.33 -8.04 3.43
C THR A 333 -17.17 -7.63 4.63
N GLY A 334 -16.76 -6.54 5.29
CA GLY A 334 -17.47 -6.08 6.46
C GLY A 334 -16.76 -6.49 7.73
N ARG A 335 -15.71 -7.29 7.60
CA ARG A 335 -14.92 -7.74 8.74
C ARG A 335 -14.40 -6.57 9.56
N LYS A 336 -14.58 -6.62 10.87
CA LYS A 336 -14.11 -5.57 11.76
C LYS A 336 -12.59 -5.66 11.90
N ARG A 337 -11.93 -4.51 11.99
CA ARG A 337 -10.49 -4.51 12.15
C ARG A 337 -10.18 -4.45 13.64
N ARG A 338 -9.08 -5.08 14.05
CA ARG A 338 -8.66 -5.06 15.44
C ARG A 338 -8.13 -3.66 15.72
N CYS A 339 -8.51 -3.09 16.87
CA CYS A 339 -8.06 -1.74 17.24
C CYS A 339 -7.28 -1.67 18.54
N GLY A 340 -6.31 -0.77 18.56
CA GLY A 340 -5.50 -0.61 19.75
C GLY A 340 -4.91 0.77 19.83
N TRP A 341 -4.19 1.04 20.91
CA TRP A 341 -3.57 2.34 21.12
C TRP A 341 -2.44 2.57 20.12
N LEU A 342 -2.11 3.83 19.91
CA LEU A 342 -1.01 4.15 19.02
C LEU A 342 0.18 3.39 19.61
N ASP A 343 1.09 2.95 18.76
CA ASP A 343 2.24 2.19 19.23
C ASP A 343 3.51 2.80 18.65
N LEU A 344 4.30 3.44 19.49
CA LEU A 344 5.55 4.06 19.05
C LEU A 344 6.66 3.09 18.69
N MET A 345 6.57 1.86 19.21
CA MET A 345 7.58 0.87 18.90
C MET A 345 7.58 0.52 17.43
N ILE A 346 6.40 0.31 16.86
CA ILE A 346 6.31 -0.01 15.45
C ILE A 346 6.58 1.26 14.66
N LEU A 347 6.07 2.39 15.16
CA LEU A 347 6.25 3.67 14.48
C LEU A 347 7.72 4.03 14.23
N ARG A 348 8.57 3.81 15.23
CA ARG A 348 9.98 4.12 15.11
C ARG A 348 10.63 3.11 14.18
N TYR A 349 10.22 1.85 14.31
CA TYR A 349 10.73 0.78 13.47
C TYR A 349 10.46 1.14 12.02
N ALA A 350 9.22 1.51 11.72
CA ALA A 350 8.85 1.91 10.37
C ALA A 350 9.80 3.00 9.86
N HIS A 351 10.21 3.89 10.77
CA HIS A 351 11.10 4.99 10.41
C HIS A 351 12.54 4.59 10.13
N MET A 352 13.08 3.68 10.95
CA MET A 352 14.44 3.21 10.77
C MET A 352 14.55 2.69 9.34
N VAL A 353 13.50 1.99 8.90
CA VAL A 353 13.45 1.41 7.57
C VAL A 353 13.20 2.42 6.44
N ASN A 354 12.23 3.32 6.64
CA ASN A 354 11.88 4.27 5.60
C ASN A 354 12.51 5.65 5.60
N GLY A 355 13.01 6.11 6.74
CA GLY A 355 13.59 7.44 6.79
C GLY A 355 12.62 8.50 6.32
N PHE A 356 11.48 8.58 7.00
CA PHE A 356 10.42 9.55 6.70
C PHE A 356 10.98 10.97 6.82
N THR A 357 10.47 11.89 6.00
CA THR A 357 10.90 13.28 6.11
C THR A 357 9.78 14.06 6.81
N ALA A 358 8.57 13.54 6.69
CA ALA A 358 7.42 14.17 7.32
C ALA A 358 6.28 13.16 7.45
N LEU A 359 5.39 13.39 8.40
CA LEU A 359 4.27 12.48 8.62
C LEU A 359 2.91 13.11 8.35
N ALA A 360 1.90 12.25 8.26
CA ALA A 360 0.52 12.68 8.08
C ALA A 360 -0.19 11.91 9.17
N LEU A 361 -0.58 12.61 10.23
CA LEU A 361 -1.27 11.98 11.34
C LEU A 361 -2.74 12.05 11.00
N THR A 362 -3.38 10.90 10.85
CA THR A 362 -4.78 10.83 10.47
C THR A 362 -5.74 10.33 11.54
N LYS A 363 -7.02 10.69 11.36
CA LYS A 363 -8.10 10.28 12.25
C LYS A 363 -7.98 10.73 13.71
N LEU A 364 -7.29 11.83 13.94
CA LEU A 364 -7.12 12.34 15.30
C LEU A 364 -8.49 12.62 15.91
N ASP A 365 -9.47 12.93 15.07
CA ASP A 365 -10.82 13.24 15.53
C ASP A 365 -11.50 12.04 16.18
N ILE A 366 -11.12 10.84 15.76
CA ILE A 366 -11.70 9.66 16.37
C ILE A 366 -11.53 9.72 17.89
N LEU A 367 -10.43 10.33 18.35
CA LEU A 367 -10.11 10.45 19.77
C LEU A 367 -10.70 11.65 20.49
N ASP A 368 -11.43 12.50 19.77
CA ASP A 368 -12.02 13.69 20.38
C ASP A 368 -12.84 13.37 21.61
N VAL A 369 -13.42 12.17 21.63
CA VAL A 369 -14.29 11.74 22.71
C VAL A 369 -13.61 11.23 23.98
N LEU A 370 -12.41 10.69 23.85
CA LEU A 370 -11.70 10.15 24.99
C LEU A 370 -11.29 11.17 26.04
N SER A 371 -11.30 10.71 27.29
CA SER A 371 -10.96 11.55 28.44
C SER A 371 -9.44 11.55 28.63
N GLU A 372 -8.81 10.43 28.33
CA GLU A 372 -7.37 10.29 28.41
C GLU A 372 -6.95 9.20 27.42
N ILE A 373 -5.91 9.46 26.64
CA ILE A 373 -5.44 8.50 25.66
C ILE A 373 -4.15 7.82 26.10
N LYS A 374 -4.07 6.52 25.85
CA LYS A 374 -2.87 5.76 26.17
C LYS A 374 -2.06 5.53 24.90
N VAL A 375 -0.75 5.65 24.98
CA VAL A 375 0.09 5.35 23.82
C VAL A 375 1.33 4.58 24.27
N GLY A 376 1.57 3.46 23.59
CA GLY A 376 2.71 2.62 23.93
C GLY A 376 4.02 3.24 23.49
N ILE A 377 4.99 3.31 24.40
CA ILE A 377 6.27 3.93 24.08
C ILE A 377 7.44 2.95 24.05
N SER A 378 7.31 1.81 24.71
CA SER A 378 8.38 0.83 24.70
C SER A 378 7.87 -0.60 24.89
N TYR A 379 8.74 -1.57 24.63
CA TYR A 379 8.41 -2.98 24.80
C TYR A 379 9.32 -3.60 25.83
N LYS A 380 8.78 -4.47 26.67
CA LYS A 380 9.60 -5.16 27.67
C LYS A 380 9.32 -6.63 27.42
N LEU A 381 10.37 -7.40 27.13
CA LEU A 381 10.22 -8.81 26.83
C LEU A 381 10.03 -9.71 28.04
N ASN A 382 11.12 -10.01 28.73
CA ASN A 382 11.03 -10.85 29.93
C ASN A 382 11.44 -10.02 31.14
N GLY A 383 10.83 -8.85 31.27
CA GLY A 383 11.14 -7.96 32.37
C GLY A 383 12.09 -6.87 31.90
N LYS A 384 12.81 -7.14 30.82
CA LYS A 384 13.77 -6.20 30.25
C LYS A 384 13.20 -5.34 29.13
N ARG A 385 13.65 -4.09 29.05
CA ARG A 385 13.20 -3.14 28.03
C ARG A 385 14.05 -3.29 26.78
N ILE A 386 13.45 -3.81 25.71
CA ILE A 386 14.18 -4.00 24.46
C ILE A 386 13.97 -2.81 23.52
N PRO A 387 15.02 -2.40 22.80
CA PRO A 387 14.92 -1.26 21.89
C PRO A 387 14.57 -1.58 20.44
N TYR A 388 14.42 -2.87 20.12
CA TYR A 388 14.08 -3.26 18.74
C TYR A 388 12.67 -3.81 18.63
N PHE A 389 12.15 -3.85 17.40
CA PHE A 389 10.83 -4.40 17.13
C PHE A 389 11.05 -5.89 16.87
N PRO A 390 10.43 -6.76 17.67
CA PRO A 390 10.58 -8.20 17.50
C PRO A 390 10.24 -8.68 16.08
N ALA A 391 11.09 -9.53 15.53
CA ALA A 391 10.90 -10.05 14.17
C ALA A 391 9.97 -11.25 14.04
N ASN A 392 9.94 -12.13 15.04
CA ASN A 392 9.11 -13.33 15.00
C ASN A 392 7.80 -13.19 15.78
N GLN A 393 6.78 -13.96 15.38
CA GLN A 393 5.48 -13.92 16.03
C GLN A 393 5.52 -14.30 17.50
N GLU A 394 6.16 -15.43 17.80
CA GLU A 394 6.26 -15.91 19.16
C GLU A 394 6.78 -14.84 20.12
N ILE A 395 7.85 -14.15 19.74
CA ILE A 395 8.40 -13.11 20.60
C ILE A 395 7.48 -11.90 20.67
N LEU A 396 6.98 -11.47 19.51
CA LEU A 396 6.11 -10.31 19.42
C LEU A 396 4.86 -10.47 20.29
N GLN A 397 4.30 -11.66 20.32
CA GLN A 397 3.10 -11.94 21.11
C GLN A 397 3.45 -11.88 22.61
N LYS A 398 4.71 -12.10 22.94
CA LYS A 398 5.17 -12.10 24.33
C LYS A 398 5.47 -10.74 24.95
N VAL A 399 5.68 -9.72 24.13
CA VAL A 399 6.00 -8.40 24.68
C VAL A 399 4.88 -7.79 25.48
N GLU A 400 5.26 -7.15 26.58
CA GLU A 400 4.31 -6.45 27.45
C GLU A 400 4.59 -4.99 27.12
N VAL A 401 3.53 -4.25 26.77
CA VAL A 401 3.65 -2.85 26.40
C VAL A 401 3.82 -1.87 27.56
N GLU A 402 4.71 -0.89 27.38
CA GLU A 402 4.92 0.13 28.39
C GLU A 402 4.14 1.34 27.88
N TYR A 403 3.22 1.83 28.70
CA TYR A 403 2.38 2.96 28.27
C TYR A 403 2.66 4.33 28.87
N GLU A 404 2.16 5.33 28.15
CA GLU A 404 2.27 6.72 28.54
C GLU A 404 0.83 7.21 28.44
N THR A 405 0.23 7.59 29.56
CA THR A 405 -1.15 8.08 29.51
C THR A 405 -1.18 9.59 29.36
N LEU A 406 -1.83 10.08 28.31
CA LEU A 406 -1.92 11.51 28.08
C LEU A 406 -3.36 11.95 28.26
N PRO A 407 -3.58 13.23 28.60
CA PRO A 407 -4.96 13.70 28.78
C PRO A 407 -5.60 14.02 27.42
N GLY A 408 -6.88 13.69 27.27
CA GLY A 408 -7.57 13.98 26.03
C GLY A 408 -8.05 15.41 25.99
N TRP A 409 -8.46 15.87 24.80
CA TRP A 409 -8.95 17.24 24.65
C TRP A 409 -10.47 17.36 24.80
N LYS A 410 -11.15 16.21 24.83
CA LYS A 410 -12.61 16.14 24.97
C LYS A 410 -13.34 17.26 24.23
N ALA A 411 -13.07 17.37 22.94
CA ALA A 411 -13.72 18.40 22.12
C ALA A 411 -13.75 17.98 20.65
N ASP A 412 -14.73 18.52 19.93
CA ASP A 412 -14.90 18.24 18.52
C ASP A 412 -13.82 18.96 17.73
N THR A 413 -13.03 18.22 16.95
CA THR A 413 -11.98 18.86 16.15
C THR A 413 -12.26 18.78 14.64
N THR A 414 -13.37 18.15 14.28
CA THR A 414 -13.75 17.97 12.88
C THR A 414 -13.78 19.27 12.10
N GLY A 415 -14.00 20.39 12.80
CA GLY A 415 -14.05 21.69 12.14
C GLY A 415 -12.72 22.43 12.05
N ALA A 416 -11.69 21.94 12.72
CA ALA A 416 -10.37 22.57 12.69
C ALA A 416 -9.82 22.64 11.26
N ARG A 417 -9.13 23.75 10.96
CA ARG A 417 -8.56 23.96 9.64
C ARG A 417 -7.21 24.64 9.73
N LYS A 418 -6.68 24.75 10.95
CA LYS A 418 -5.38 25.38 11.22
C LYS A 418 -4.85 24.75 12.48
N TRP A 419 -3.54 24.88 12.68
CA TRP A 419 -2.90 24.33 13.88
C TRP A 419 -3.53 25.00 15.11
N GLU A 420 -3.73 26.31 15.00
CA GLU A 420 -4.32 27.13 16.06
C GLU A 420 -5.73 26.73 16.43
N ASP A 421 -6.39 25.94 15.60
CA ASP A 421 -7.74 25.52 15.93
C ASP A 421 -7.70 24.37 16.92
N LEU A 422 -6.82 23.41 16.69
CA LEU A 422 -6.73 22.26 17.58
C LEU A 422 -6.58 22.67 19.04
N PRO A 423 -7.36 22.04 19.93
CA PRO A 423 -7.25 22.38 21.35
C PRO A 423 -5.87 22.00 21.89
N PRO A 424 -5.43 22.62 23.00
CA PRO A 424 -4.14 22.37 23.64
C PRO A 424 -3.71 20.92 23.84
N GLN A 425 -4.63 20.03 24.16
CA GLN A 425 -4.24 18.63 24.36
C GLN A 425 -4.07 17.90 23.03
N ALA A 426 -4.79 18.34 22.00
CA ALA A 426 -4.66 17.70 20.70
C ALA A 426 -3.28 18.07 20.15
N GLN A 427 -2.92 19.35 20.30
CA GLN A 427 -1.62 19.82 19.85
C GLN A 427 -0.53 19.04 20.56
N SER A 428 -0.76 18.73 21.82
CA SER A 428 0.20 17.96 22.59
C SER A 428 0.31 16.55 22.07
N TYR A 429 -0.83 15.96 21.71
CA TYR A 429 -0.85 14.61 21.20
C TYR A 429 0.00 14.57 19.93
N VAL A 430 -0.05 15.66 19.17
CA VAL A 430 0.72 15.78 17.94
C VAL A 430 2.22 15.91 18.21
N ARG A 431 2.60 16.82 19.10
CA ARG A 431 4.01 17.00 19.41
C ARG A 431 4.57 15.69 19.98
N PHE A 432 3.73 14.99 20.74
CA PHE A 432 4.13 13.73 21.35
C PHE A 432 4.62 12.76 20.27
N VAL A 433 3.85 12.66 19.19
CA VAL A 433 4.18 11.76 18.10
C VAL A 433 5.42 12.26 17.34
N GLU A 434 5.54 13.57 17.16
CA GLU A 434 6.70 14.13 16.46
C GLU A 434 7.97 13.90 17.26
N ASN A 435 7.90 14.17 18.56
CA ASN A 435 9.06 14.01 19.42
C ASN A 435 9.57 12.59 19.49
N HIS A 436 8.70 11.65 19.89
CA HIS A 436 9.11 10.26 20.03
C HIS A 436 9.47 9.59 18.72
N MET A 437 9.15 10.22 17.60
CA MET A 437 9.49 9.65 16.30
C MET A 437 10.68 10.38 15.69
N GLY A 438 10.79 11.67 15.99
CA GLY A 438 11.88 12.44 15.45
C GLY A 438 11.52 13.02 14.10
N VAL A 439 10.30 12.76 13.65
CA VAL A 439 9.84 13.27 12.36
C VAL A 439 8.68 14.24 12.59
N ALA A 440 8.69 15.35 11.87
CA ALA A 440 7.64 16.35 12.01
C ALA A 440 6.34 15.96 11.30
N VAL A 441 5.22 16.41 11.86
CA VAL A 441 3.92 16.14 11.29
C VAL A 441 3.57 17.31 10.36
N LYS A 442 3.35 17.00 9.08
CA LYS A 442 3.03 18.03 8.10
C LYS A 442 1.52 18.09 7.84
N TRP A 443 0.80 17.02 8.18
CA TRP A 443 -0.65 16.97 8.00
C TRP A 443 -1.34 16.30 9.19
N VAL A 444 -2.39 16.94 9.68
CA VAL A 444 -3.17 16.38 10.80
C VAL A 444 -4.57 16.20 10.21
N GLY A 445 -5.06 14.97 10.20
CA GLY A 445 -6.38 14.72 9.64
C GLY A 445 -7.49 14.68 10.66
N VAL A 446 -8.57 15.41 10.38
CA VAL A 446 -9.70 15.44 11.30
C VAL A 446 -11.03 15.18 10.60
N GLY A 447 -10.97 14.63 9.39
CA GLY A 447 -12.19 14.36 8.66
C GLY A 447 -11.96 13.57 7.38
N LYS A 448 -12.97 13.54 6.51
CA LYS A 448 -12.89 12.79 5.27
C LYS A 448 -12.62 13.65 4.04
N SER A 449 -12.81 14.95 4.18
CA SER A 449 -12.60 15.87 3.06
C SER A 449 -11.18 16.43 3.03
N ARG A 450 -10.80 16.99 1.89
CA ARG A 450 -9.48 17.58 1.74
C ARG A 450 -9.23 18.68 2.76
N GLU A 451 -10.24 19.52 2.98
CA GLU A 451 -10.09 20.63 3.93
C GLU A 451 -9.79 20.11 5.34
N SER A 452 -10.25 18.90 5.63
CA SER A 452 -10.05 18.26 6.92
C SER A 452 -8.62 17.80 7.18
N MET A 453 -7.80 17.83 6.14
CA MET A 453 -6.39 17.43 6.25
C MET A 453 -5.58 18.71 6.43
N ILE A 454 -5.46 19.17 7.67
CA ILE A 454 -4.72 20.40 8.00
C ILE A 454 -3.21 20.27 7.70
N GLN A 455 -2.66 21.28 7.04
CA GLN A 455 -1.22 21.30 6.73
C GLN A 455 -0.52 22.17 7.78
N LEU A 456 0.45 21.60 8.49
CA LEU A 456 1.16 22.33 9.54
C LEU A 456 2.37 23.17 9.08
N PHE A 457 2.85 22.93 7.86
CA PHE A 457 3.98 23.67 7.32
C PHE A 457 4.22 23.27 5.87
#